data_8R0S
#
_entry.id   8R0S
#
_cell.length_a   88.820
_cell.length_b   140.520
_cell.length_c   52.580
_cell.angle_alpha   90.000
_cell.angle_beta   90.000
_cell.angle_gamma   90.000
#
_symmetry.space_group_name_H-M   'P 21 21 2'
#
loop_
_entity.id
_entity.type
_entity.pdbx_description
1 polymer 'Enzymatic polyprotein'
2 polymer "RNA (5'-R(*GP*UP*CP*CP*AP*GP*CP*AP*GP*UP*GP*CP*GP*UP*AP*GP*C)-3')"
3 polymer "DNA (5'-D(*GP*CP*TP*AP*CP*GP*CP*AP*CP*TP*GP*CP*TP*GP*GP*A)-3')"
4 water water
#
loop_
_entity_poly.entity_id
_entity_poly.type
_entity_poly.pdbx_seq_one_letter_code
_entity_poly.pdbx_strand_id
1 'polypeptide(L)'
;MGSSHHHHHHSSGLVPRGSHMEGEYIKLKVIGQDSSEIHFKVKMTTHLKKLKESYCQRQGVPMNSLRFLFEGQRIADNHT
PKELGMEEEDVIEVYQEQTGGSKLFITQQRMQKIEELLEKVCSENPLDPNKTKQWMKASIKLSDPSKAIKVKPMKYSPMD
REEFDKQIKELLDLKVIKPSKSPHMAPAFLVNNEAEKRRGKKRMVVNYKAMNKATVGDAYNLPNKDELLTLIRGKKIFSS
FDCKSGFWQVLLDQESRPLTAFTCPQGHYEWNVVPFGLKQAPSIFQRHMDEAFRVFRKFCCVYVDDILVFSNNEEDHLLH
VAMILQKCNQHGIILSKKKAQLFKKKINFLGLEIDEGTHKPQGHILEHINKFPDTLEDKKQLQRFLGILTYASDYIPKLA
QIRKPLQAKLKENVPWRWTKEDTLYMQKVKKNLQGFPPLHHPLPEEKLIIETDASDDYWGGMLKAIKINEGTNTELICRY
ASGSFKAAEKNYHSNDKETLAVINTIKKFSIYLTPVHFLIRTNNTHFKSFVNLNYKGDSKLGRNIRWQAWLSHYSFDVEH
IKGTDNHFADFLSREFN
;
A
2 'polyribonucleotide' GUCCAGCAGUGCGUAGC C
3 'polydeoxyribonucleotide' (DG)(DC)(DT)(DA)(DC)(DG)(DC)(DA)(DC)(DT)(DG)(DC)(DT)(DG)(DG)(DA) D
#
# COMPACT_ATOMS: atom_id res chain seq x y z
N LYS A 103 -24.64 -31.82 -24.93
CA LYS A 103 -24.26 -31.29 -23.62
C LYS A 103 -23.98 -29.80 -23.71
N LEU A 104 -24.20 -29.09 -22.60
CA LEU A 104 -24.18 -27.62 -22.59
C LEU A 104 -22.79 -27.06 -22.30
N PHE A 105 -22.23 -27.42 -21.14
CA PHE A 105 -21.01 -26.80 -20.63
C PHE A 105 -21.25 -25.30 -20.40
N ILE A 106 -22.39 -24.98 -19.81
CA ILE A 106 -22.84 -23.62 -19.57
C ILE A 106 -21.77 -22.80 -18.84
N THR A 107 -20.90 -23.47 -18.07
CA THR A 107 -19.83 -22.75 -17.40
C THR A 107 -18.76 -22.27 -18.38
N GLN A 108 -18.35 -23.12 -19.33
CA GLN A 108 -17.39 -22.65 -20.33
C GLN A 108 -18.00 -21.55 -21.21
N GLN A 109 -19.31 -21.60 -21.42
CA GLN A 109 -19.97 -20.53 -22.16
C GLN A 109 -19.89 -19.22 -21.38
N ARG A 110 -20.02 -19.30 -20.06
CA ARG A 110 -19.95 -18.08 -19.27
C ARG A 110 -18.52 -17.54 -19.23
N MET A 111 -17.51 -18.42 -19.24
CA MET A 111 -16.14 -17.94 -19.29
C MET A 111 -15.84 -17.21 -20.60
N GLN A 112 -16.31 -17.72 -21.73
CA GLN A 112 -16.06 -17.03 -22.98
C GLN A 112 -16.79 -15.70 -23.02
N LYS A 113 -17.99 -15.64 -22.44
CA LYS A 113 -18.70 -14.37 -22.37
C LYS A 113 -17.91 -13.36 -21.55
N ILE A 114 -17.34 -13.79 -20.41
CA ILE A 114 -16.50 -12.91 -19.62
C ILE A 114 -15.30 -12.44 -20.45
N GLU A 115 -14.67 -13.37 -21.17
CA GLU A 115 -13.49 -13.03 -21.96
C GLU A 115 -13.80 -12.04 -23.07
N GLU A 116 -15.04 -12.05 -23.57
CA GLU A 116 -15.40 -11.09 -24.60
C GLU A 116 -15.73 -9.72 -24.02
N LEU A 117 -16.42 -9.67 -22.87
CA LEU A 117 -16.59 -8.40 -22.17
C LEU A 117 -15.24 -7.76 -21.85
N LEU A 118 -14.30 -8.56 -21.37
CA LEU A 118 -12.95 -8.05 -21.11
C LEU A 118 -12.36 -7.43 -22.37
N GLU A 119 -12.41 -8.14 -23.49
CA GLU A 119 -11.90 -7.59 -24.75
C GLU A 119 -12.62 -6.29 -25.13
N LYS A 120 -13.92 -6.21 -24.85
CA LYS A 120 -14.68 -5.02 -25.22
C LYS A 120 -14.20 -3.77 -24.50
N VAL A 121 -13.63 -3.90 -23.30
CA VAL A 121 -13.25 -2.71 -22.51
C VAL A 121 -11.75 -2.52 -22.42
N CYS A 122 -10.96 -3.37 -23.06
CA CYS A 122 -9.51 -3.21 -23.04
C CYS A 122 -9.04 -2.45 -24.27
N SER A 123 -7.89 -1.81 -24.11
CA SER A 123 -7.28 -0.99 -25.16
C SER A 123 -5.93 -0.54 -24.65
N GLU A 124 -5.02 -0.27 -25.57
CA GLU A 124 -3.74 0.33 -25.21
C GLU A 124 -3.78 1.85 -25.23
N ASN A 125 -4.87 2.44 -25.72
CA ASN A 125 -5.00 3.88 -25.85
C ASN A 125 -6.03 4.39 -24.85
N PRO A 126 -5.62 5.09 -23.78
CA PRO A 126 -6.61 5.51 -22.76
C PRO A 126 -7.65 6.49 -23.28
N LEU A 127 -7.43 7.07 -24.46
CA LEU A 127 -8.41 7.95 -25.10
C LEU A 127 -9.11 7.26 -26.28
N ASP A 128 -9.09 5.92 -26.31
CA ASP A 128 -9.61 5.14 -27.43
C ASP A 128 -10.99 5.65 -27.87
N PRO A 129 -11.11 6.10 -29.12
CA PRO A 129 -12.38 6.70 -29.57
C PRO A 129 -13.54 5.71 -29.63
N ASN A 130 -13.28 4.41 -29.72
CA ASN A 130 -14.39 3.46 -29.73
C ASN A 130 -14.77 2.98 -28.35
N LYS A 131 -14.01 3.35 -27.31
CA LYS A 131 -14.19 2.76 -25.99
C LYS A 131 -14.30 3.79 -24.88
N THR A 132 -14.34 5.08 -25.19
CA THR A 132 -14.54 6.08 -24.17
C THR A 132 -15.80 6.88 -24.46
N LYS A 133 -16.55 7.22 -23.41
CA LYS A 133 -17.67 8.12 -23.52
C LYS A 133 -17.30 9.53 -23.10
N GLN A 134 -16.02 9.79 -22.80
CA GLN A 134 -15.59 11.03 -22.17
C GLN A 134 -16.41 11.30 -20.91
N TRP A 135 -16.62 10.26 -20.11
CA TRP A 135 -17.37 10.44 -18.87
C TRP A 135 -16.56 11.26 -17.87
N MET A 136 -15.33 10.83 -17.58
CA MET A 136 -14.53 11.39 -16.50
C MET A 136 -13.89 12.72 -16.87
N LYS A 137 -14.25 13.78 -16.15
CA LYS A 137 -13.68 15.12 -16.33
C LYS A 137 -13.15 15.62 -14.99
N ALA A 138 -12.20 16.56 -15.03
CA ALA A 138 -11.65 17.10 -13.80
C ALA A 138 -11.35 18.59 -13.94
N SER A 139 -11.22 19.25 -12.78
CA SER A 139 -10.93 20.67 -12.71
C SER A 139 -9.83 20.95 -11.70
N ILE A 140 -8.80 21.69 -12.13
CA ILE A 140 -7.68 22.09 -11.29
C ILE A 140 -7.63 23.61 -11.22
N LYS A 141 -7.61 24.16 -10.00
CA LYS A 141 -7.71 25.59 -9.75
C LYS A 141 -6.45 26.12 -9.07
N LEU A 142 -5.94 27.25 -9.57
CA LEU A 142 -4.81 27.91 -8.92
C LEU A 142 -5.10 28.25 -7.46
N SER A 143 -6.11 29.07 -7.20
CA SER A 143 -6.37 29.68 -5.88
C SER A 143 -5.73 31.05 -5.73
N ASP A 144 -4.68 31.36 -6.50
CA ASP A 144 -4.28 32.74 -6.77
C ASP A 144 -4.06 32.81 -8.28
N PRO A 145 -5.15 32.91 -9.06
CA PRO A 145 -5.02 32.86 -10.52
C PRO A 145 -4.13 33.94 -11.09
N SER A 146 -3.81 34.97 -10.32
CA SER A 146 -2.98 36.06 -10.82
C SER A 146 -1.55 35.60 -11.08
N LYS A 147 -1.06 34.61 -10.34
CA LYS A 147 0.34 34.26 -10.43
C LYS A 147 0.59 33.28 -11.57
N ALA A 148 1.86 33.20 -11.96
CA ALA A 148 2.33 32.25 -12.97
C ALA A 148 3.37 31.35 -12.33
N ILE A 149 3.31 30.06 -12.63
CA ILE A 149 4.18 29.09 -11.96
C ILE A 149 5.22 28.63 -12.97
N LYS A 150 6.41 29.23 -12.90
CA LYS A 150 7.49 29.01 -13.86
C LYS A 150 8.68 28.40 -13.11
N VAL A 151 8.99 27.14 -13.41
CA VAL A 151 10.18 26.48 -12.87
C VAL A 151 11.27 26.49 -13.94
N LYS A 152 12.51 26.71 -13.51
CA LYS A 152 13.61 26.70 -14.47
C LYS A 152 13.70 25.34 -15.13
N PRO A 153 13.89 25.28 -16.44
CA PRO A 153 14.04 23.99 -17.11
C PRO A 153 15.26 23.22 -16.65
N MET A 154 15.45 22.07 -17.26
CA MET A 154 16.48 21.13 -16.89
C MET A 154 17.33 20.87 -18.14
N LYS A 155 18.51 20.29 -17.92
CA LYS A 155 19.39 19.87 -19.00
C LYS A 155 19.14 18.41 -19.32
N TYR A 156 19.39 18.03 -20.58
CA TYR A 156 19.05 16.70 -21.06
C TYR A 156 20.20 16.10 -21.85
N SER A 157 20.61 14.89 -21.46
CA SER A 157 21.63 14.14 -22.16
C SER A 157 21.09 13.62 -23.49
N PRO A 158 21.96 13.12 -24.40
CA PRO A 158 21.45 12.64 -25.69
C PRO A 158 20.58 11.40 -25.58
N MET A 159 21.02 10.38 -24.82
CA MET A 159 20.17 9.21 -24.62
C MET A 159 18.77 9.63 -24.16
N ASP A 160 18.69 10.66 -23.31
CA ASP A 160 17.40 11.14 -22.83
C ASP A 160 16.70 12.03 -23.85
N ARG A 161 17.45 12.90 -24.55
CA ARG A 161 16.86 13.70 -25.61
C ARG A 161 16.30 12.83 -26.71
N GLU A 162 16.89 11.65 -26.92
CA GLU A 162 16.39 10.70 -27.91
C GLU A 162 15.07 10.09 -27.44
N GLU A 163 15.10 9.42 -26.29
CA GLU A 163 13.90 8.75 -25.77
C GLU A 163 12.74 9.73 -25.62
N PHE A 164 13.02 10.93 -25.10
CA PHE A 164 11.97 11.94 -25.01
C PHE A 164 11.29 12.14 -26.35
N ASP A 165 12.09 12.27 -27.42
CA ASP A 165 11.52 12.44 -28.75
C ASP A 165 10.59 11.29 -29.08
N LYS A 166 11.03 10.05 -28.83
CA LYS A 166 10.14 8.90 -29.03
C LYS A 166 8.88 9.02 -28.17
N GLN A 167 9.03 9.25 -26.86
CA GLN A 167 7.86 9.25 -25.98
C GLN A 167 6.91 10.41 -26.29
N ILE A 168 7.47 11.58 -26.66
CA ILE A 168 6.63 12.73 -26.95
C ILE A 168 5.79 12.50 -28.21
N LYS A 169 6.35 11.85 -29.22
CA LYS A 169 5.55 11.52 -30.40
C LYS A 169 4.41 10.57 -30.03
N GLU A 170 4.71 9.54 -29.23
CA GLU A 170 3.66 8.67 -28.71
C GLU A 170 2.58 9.48 -28.01
N LEU A 171 3.00 10.30 -27.03
CA LEU A 171 2.04 11.06 -26.26
C LEU A 171 1.27 12.00 -27.17
N LEU A 172 1.98 12.67 -28.09
CA LEU A 172 1.30 13.53 -29.06
C LEU A 172 0.36 12.70 -29.93
N ASP A 173 0.76 11.46 -30.25
CA ASP A 173 -0.08 10.60 -31.09
C ASP A 173 -1.33 10.15 -30.37
N LEU A 174 -1.21 9.80 -29.09
CA LEU A 174 -2.40 9.52 -28.30
C LEU A 174 -3.28 10.76 -28.12
N LYS A 175 -2.75 11.95 -28.42
CA LYS A 175 -3.45 13.21 -28.18
C LYS A 175 -3.75 13.41 -26.69
N VAL A 176 -2.88 12.87 -25.81
CA VAL A 176 -2.92 13.22 -24.39
C VAL A 176 -2.19 14.54 -24.11
N ILE A 177 -1.06 14.81 -24.78
CA ILE A 177 -0.43 16.12 -24.73
C ILE A 177 -0.63 16.86 -26.06
N LYS A 178 -0.32 18.15 -26.05
CA LYS A 178 -0.40 19.01 -27.21
C LYS A 178 0.57 20.17 -27.01
N PRO A 179 0.94 20.88 -28.08
CA PRO A 179 1.81 22.07 -27.93
C PRO A 179 1.16 23.15 -27.08
N SER A 180 1.99 23.85 -26.32
CA SER A 180 1.50 24.78 -25.32
C SER A 180 2.26 26.09 -25.36
N LYS A 181 1.53 27.19 -25.20
CA LYS A 181 2.11 28.51 -25.00
C LYS A 181 1.76 29.06 -23.61
N SER A 182 1.64 28.16 -22.62
CA SER A 182 1.08 28.48 -21.33
C SER A 182 2.07 29.33 -20.51
N PRO A 183 1.55 30.26 -19.68
CA PRO A 183 2.43 31.00 -18.76
C PRO A 183 3.04 30.14 -17.66
N HIS A 184 2.54 28.92 -17.44
CA HIS A 184 3.13 28.04 -16.44
C HIS A 184 4.05 27.02 -17.11
N MET A 185 5.03 26.55 -16.37
CA MET A 185 5.94 25.54 -16.91
C MET A 185 6.61 24.77 -15.78
N ALA A 186 6.81 23.47 -16.02
CA ALA A 186 7.39 22.54 -15.08
C ALA A 186 8.27 21.59 -15.88
N PRO A 187 9.41 21.17 -15.33
CA PRO A 187 10.33 20.34 -16.12
C PRO A 187 9.96 18.87 -16.11
N ALA A 188 10.22 18.21 -17.24
CA ALA A 188 10.08 16.77 -17.34
C ALA A 188 11.44 16.08 -17.25
N PHE A 189 11.45 14.89 -16.69
CA PHE A 189 12.65 14.07 -16.67
C PHE A 189 12.26 12.60 -16.72
N LEU A 190 13.26 11.74 -16.93
CA LEU A 190 13.10 10.30 -16.96
C LEU A 190 13.53 9.68 -15.64
N VAL A 191 12.90 8.55 -15.30
CA VAL A 191 13.17 7.83 -14.06
C VAL A 191 13.36 6.36 -14.41
N ASN A 192 14.28 5.70 -13.71
CA ASN A 192 14.57 4.29 -13.97
C ASN A 192 14.66 3.54 -12.63
N ASN A 193 13.51 3.16 -12.11
CA ASN A 193 13.41 2.39 -10.87
C ASN A 193 13.10 0.94 -11.22
N GLU A 194 12.86 0.11 -10.20
CA GLU A 194 12.82 -1.34 -10.40
C GLU A 194 11.67 -1.76 -11.33
N ALA A 195 10.55 -1.04 -11.30
CA ALA A 195 9.49 -1.31 -12.26
C ALA A 195 9.94 -1.00 -13.68
N GLU A 196 10.67 0.12 -13.86
CA GLU A 196 11.15 0.49 -15.19
C GLU A 196 12.15 -0.52 -15.70
N LYS A 197 13.13 -0.88 -14.87
CA LYS A 197 14.15 -1.86 -15.26
C LYS A 197 13.50 -3.11 -15.85
N ARG A 198 12.53 -3.68 -15.13
CA ARG A 198 11.88 -4.90 -15.59
C ARG A 198 10.88 -4.64 -16.71
N ARG A 199 10.25 -3.46 -16.76
CA ARG A 199 9.39 -3.14 -17.89
C ARG A 199 10.17 -2.96 -19.18
N GLY A 200 11.45 -2.62 -19.10
CA GLY A 200 12.26 -2.35 -20.27
C GLY A 200 12.17 -0.94 -20.79
N LYS A 201 11.54 -0.02 -20.07
CA LYS A 201 11.36 1.34 -20.57
C LYS A 201 11.52 2.35 -19.44
N LYS A 202 12.28 3.41 -19.69
CA LYS A 202 12.37 4.52 -18.75
C LYS A 202 11.04 5.27 -18.68
N ARG A 203 10.71 5.76 -17.49
CA ARG A 203 9.44 6.43 -17.22
C ARG A 203 9.63 7.94 -17.15
N MET A 204 8.71 8.68 -17.75
CA MET A 204 8.80 10.12 -17.79
C MET A 204 7.98 10.73 -16.66
N VAL A 205 8.57 11.69 -15.96
CA VAL A 205 7.98 12.36 -14.81
C VAL A 205 8.10 13.87 -15.01
N VAL A 206 7.03 14.59 -14.71
CA VAL A 206 7.05 16.04 -14.68
C VAL A 206 7.13 16.49 -13.22
N ASN A 207 8.04 17.41 -12.93
CA ASN A 207 8.17 17.92 -11.56
C ASN A 207 7.10 18.98 -11.32
N TYR A 208 5.99 18.58 -10.70
CA TYR A 208 4.89 19.49 -10.43
C TYR A 208 4.88 20.03 -8.99
N LYS A 209 6.00 19.91 -8.27
CA LYS A 209 6.01 20.38 -6.88
C LYS A 209 5.54 21.82 -6.77
N ALA A 210 6.03 22.69 -7.65
CA ALA A 210 5.62 24.09 -7.56
C ALA A 210 4.13 24.26 -7.82
N MET A 211 3.61 23.62 -8.88
CA MET A 211 2.19 23.81 -9.15
C MET A 211 1.33 23.12 -8.09
N ASN A 212 1.83 22.05 -7.48
CA ASN A 212 1.04 21.41 -6.44
C ASN A 212 0.95 22.29 -5.19
N LYS A 213 2.04 22.96 -4.82
CA LYS A 213 1.94 23.94 -3.73
C LYS A 213 0.90 24.98 -4.05
N ALA A 214 0.71 25.27 -5.33
CA ALA A 214 -0.05 26.42 -5.79
C ALA A 214 -1.48 26.13 -6.17
N THR A 215 -1.97 24.89 -6.10
CA THR A 215 -3.35 24.65 -6.51
C THR A 215 -4.22 24.26 -5.32
N VAL A 216 -5.52 24.53 -5.47
CA VAL A 216 -6.52 24.09 -4.50
C VAL A 216 -6.56 22.58 -4.43
N GLY A 217 -6.43 22.06 -3.22
CA GLY A 217 -6.53 20.63 -3.00
C GLY A 217 -7.90 20.08 -3.32
N ASP A 218 -7.92 18.77 -3.54
CA ASP A 218 -9.14 17.98 -3.64
C ASP A 218 -9.29 17.24 -2.32
N ALA A 219 -10.38 17.50 -1.60
CA ALA A 219 -10.54 16.94 -0.26
C ALA A 219 -10.82 15.44 -0.24
N TYR A 220 -11.04 14.80 -1.39
CA TYR A 220 -11.52 13.42 -1.42
C TYR A 220 -10.42 12.44 -0.98
N ASN A 221 -10.67 11.69 0.10
CA ASN A 221 -9.64 10.78 0.62
C ASN A 221 -9.61 9.43 -0.12
N LEU A 222 -8.40 8.87 -0.23
CA LEU A 222 -8.19 7.52 -0.72
C LEU A 222 -8.59 6.52 0.36
N PRO A 223 -8.85 5.28 -0.01
CA PRO A 223 -9.13 4.26 1.00
C PRO A 223 -7.90 3.94 1.82
N ASN A 224 -8.16 3.41 2.99
CA ASN A 224 -7.12 2.85 3.81
C ASN A 224 -6.90 1.40 3.39
N LYS A 225 -5.63 1.00 3.28
CA LYS A 225 -5.32 -0.32 2.78
C LYS A 225 -5.91 -1.41 3.66
N ASP A 226 -5.92 -1.20 4.99
CA ASP A 226 -6.52 -2.22 5.87
C ASP A 226 -8.04 -2.26 5.76
N GLU A 227 -8.69 -1.14 5.48
CA GLU A 227 -10.13 -1.22 5.36
C GLU A 227 -10.55 -1.92 4.07
N LEU A 228 -9.69 -1.95 3.05
CA LEU A 228 -9.99 -2.76 1.86
C LEU A 228 -9.70 -4.23 2.11
N LEU A 229 -8.57 -4.55 2.75
CA LEU A 229 -8.23 -5.95 2.98
C LEU A 229 -9.23 -6.61 3.92
N THR A 230 -9.77 -5.88 4.89
CA THR A 230 -10.70 -6.57 5.78
C THR A 230 -11.95 -6.97 5.04
N LEU A 231 -12.27 -6.31 3.91
CA LEU A 231 -13.45 -6.61 3.10
C LEU A 231 -13.36 -7.96 2.40
N ILE A 232 -12.16 -8.49 2.16
CA ILE A 232 -11.99 -9.72 1.39
C ILE A 232 -11.70 -10.92 2.29
N ARG A 233 -11.74 -10.74 3.60
CA ARG A 233 -11.59 -11.87 4.49
C ARG A 233 -12.65 -12.95 4.19
N GLY A 234 -12.21 -14.17 3.99
CA GLY A 234 -13.11 -15.26 3.70
C GLY A 234 -13.30 -15.54 2.23
N LYS A 235 -12.97 -14.61 1.34
CA LYS A 235 -13.25 -14.82 -0.07
C LYS A 235 -12.30 -15.86 -0.64
N LYS A 236 -12.82 -16.64 -1.59
CA LYS A 236 -12.10 -17.77 -2.17
C LYS A 236 -11.53 -17.47 -3.55
N ILE A 237 -12.18 -16.61 -4.33
CA ILE A 237 -11.82 -16.38 -5.72
C ILE A 237 -11.77 -14.89 -6.02
N PHE A 238 -10.78 -14.47 -6.81
CA PHE A 238 -10.53 -13.07 -7.08
C PHE A 238 -10.21 -12.82 -8.55
N SER A 239 -10.60 -11.65 -9.03
CA SER A 239 -10.06 -11.06 -10.25
C SER A 239 -9.67 -9.61 -9.99
N SER A 240 -8.64 -9.13 -10.67
CA SER A 240 -8.15 -7.76 -10.49
C SER A 240 -7.89 -7.10 -11.83
N PHE A 241 -8.20 -5.82 -11.91
CA PHE A 241 -8.12 -5.11 -13.18
C PHE A 241 -7.52 -3.73 -12.97
N ASP A 242 -6.44 -3.45 -13.67
CA ASP A 242 -5.86 -2.13 -13.68
C ASP A 242 -6.40 -1.37 -14.88
N CYS A 243 -6.84 -0.15 -14.62
CA CYS A 243 -7.13 0.76 -15.70
C CYS A 243 -5.88 0.98 -16.55
N LYS A 244 -6.08 1.24 -17.83
CA LYS A 244 -4.97 1.60 -18.70
C LYS A 244 -4.65 3.08 -18.48
N SER A 245 -3.47 3.37 -17.97
CA SER A 245 -2.99 4.75 -17.76
C SER A 245 -4.12 5.66 -17.25
N GLY A 246 -4.68 5.27 -16.11
CA GLY A 246 -6.00 5.77 -15.70
C GLY A 246 -6.16 7.28 -15.71
N PHE A 247 -5.19 8.00 -15.11
CA PHE A 247 -5.35 9.45 -15.04
C PHE A 247 -5.54 10.04 -16.41
N TRP A 248 -4.89 9.47 -17.42
CA TRP A 248 -5.01 9.96 -18.78
C TRP A 248 -6.37 9.73 -19.39
N GLN A 249 -7.27 9.03 -18.70
CA GLN A 249 -8.64 8.88 -19.19
C GLN A 249 -9.56 9.98 -18.69
N VAL A 250 -9.06 10.86 -17.82
CA VAL A 250 -9.86 11.94 -17.26
C VAL A 250 -9.52 13.20 -18.04
N LEU A 251 -10.52 13.77 -18.70
CA LEU A 251 -10.31 14.95 -19.54
C LEU A 251 -10.22 16.19 -18.67
N LEU A 252 -9.21 17.02 -18.93
CA LEU A 252 -9.09 18.29 -18.23
C LEU A 252 -9.81 19.37 -19.02
N ASP A 253 -10.61 20.18 -18.33
CA ASP A 253 -11.28 21.29 -19.02
C ASP A 253 -10.29 22.38 -19.41
N GLN A 254 -10.79 23.36 -20.18
CA GLN A 254 -9.92 24.29 -20.90
C GLN A 254 -9.09 25.15 -19.95
N GLU A 255 -9.68 25.59 -18.85
CA GLU A 255 -8.96 26.45 -17.93
C GLU A 255 -7.93 25.70 -17.10
N SER A 256 -7.97 24.36 -17.08
CA SER A 256 -7.07 23.57 -16.26
C SER A 256 -5.87 23.04 -17.02
N ARG A 257 -6.01 22.81 -18.32
CA ARG A 257 -4.89 22.27 -19.10
C ARG A 257 -3.65 23.15 -19.10
N PRO A 258 -3.73 24.49 -19.15
CA PRO A 258 -2.48 25.29 -19.10
C PRO A 258 -1.66 25.04 -17.85
N LEU A 259 -2.31 24.81 -16.71
CA LEU A 259 -1.64 24.48 -15.46
C LEU A 259 -0.71 23.29 -15.56
N THR A 260 -0.95 22.38 -16.52
CA THR A 260 -0.16 21.17 -16.65
C THR A 260 1.04 21.35 -17.57
N ALA A 261 1.18 22.52 -18.18
CA ALA A 261 2.25 22.74 -19.15
C ALA A 261 3.62 22.43 -18.56
N PHE A 262 4.41 21.64 -19.29
CA PHE A 262 5.73 21.23 -18.87
C PHE A 262 6.73 21.52 -19.99
N THR A 263 8.02 21.31 -19.71
CA THR A 263 9.08 21.45 -20.70
C THR A 263 9.92 20.18 -20.78
N CYS A 264 10.56 20.02 -21.93
CA CYS A 264 11.30 18.83 -22.28
C CYS A 264 12.13 19.17 -23.50
N PRO A 265 13.08 18.30 -23.91
CA PRO A 265 13.96 18.66 -25.04
C PRO A 265 13.22 19.23 -26.23
N GLN A 266 12.07 18.68 -26.57
CA GLN A 266 11.32 19.12 -27.73
C GLN A 266 10.50 20.37 -27.46
N GLY A 267 10.56 20.92 -26.25
CA GLY A 267 9.86 22.15 -26.01
C GLY A 267 8.86 22.20 -24.87
N HIS A 268 7.72 22.82 -25.15
CA HIS A 268 6.76 23.28 -24.17
C HIS A 268 5.40 22.66 -24.51
N TYR A 269 4.96 21.66 -23.74
CA TYR A 269 3.66 21.05 -23.98
C TYR A 269 2.78 21.13 -22.74
N GLU A 270 1.47 20.95 -22.95
CA GLU A 270 0.53 20.78 -21.85
C GLU A 270 -0.32 19.53 -22.10
N TRP A 271 -1.15 19.17 -21.12
CA TRP A 271 -1.87 17.91 -21.09
C TRP A 271 -3.35 18.13 -21.33
N ASN A 272 -3.97 17.28 -22.15
CA ASN A 272 -5.41 17.40 -22.32
C ASN A 272 -6.15 16.62 -21.25
N VAL A 273 -5.43 15.78 -20.53
CA VAL A 273 -5.98 14.86 -19.55
C VAL A 273 -5.21 15.04 -18.26
N VAL A 274 -5.71 14.42 -17.19
CA VAL A 274 -5.05 14.51 -15.88
C VAL A 274 -3.70 13.80 -15.93
N PRO A 275 -2.60 14.53 -15.74
CA PRO A 275 -1.29 13.88 -15.75
C PRO A 275 -0.94 13.27 -14.41
N PHE A 276 -0.12 12.22 -14.48
CA PHE A 276 0.53 11.72 -13.29
C PHE A 276 1.35 12.82 -12.64
N GLY A 277 1.39 12.80 -11.30
CA GLY A 277 2.22 13.70 -10.52
C GLY A 277 1.53 14.96 -9.99
N LEU A 278 0.31 15.27 -10.41
CA LEU A 278 -0.47 16.29 -9.74
C LEU A 278 -1.09 15.74 -8.46
N LYS A 279 -1.17 16.60 -7.44
CA LYS A 279 -1.60 16.12 -6.14
C LYS A 279 -3.07 15.69 -6.16
N GLN A 280 -3.90 16.35 -6.96
CA GLN A 280 -5.32 16.02 -7.01
C GLN A 280 -5.64 14.70 -7.75
N ALA A 281 -4.69 14.18 -8.56
CA ALA A 281 -5.03 13.08 -9.49
C ALA A 281 -5.53 11.82 -8.79
N PRO A 282 -4.88 11.26 -7.77
CA PRO A 282 -5.46 10.04 -7.14
C PRO A 282 -6.86 10.26 -6.62
N SER A 283 -7.14 11.45 -6.05
CA SER A 283 -8.49 11.77 -5.58
C SER A 283 -9.49 11.87 -6.73
N ILE A 284 -9.11 12.53 -7.83
CA ILE A 284 -10.05 12.67 -8.93
C ILE A 284 -10.43 11.30 -9.45
N PHE A 285 -9.44 10.43 -9.57
CA PHE A 285 -9.71 9.12 -10.14
C PHE A 285 -10.49 8.26 -9.16
N GLN A 286 -10.11 8.29 -7.88
CA GLN A 286 -10.80 7.50 -6.87
C GLN A 286 -12.26 7.89 -6.76
N ARG A 287 -12.55 9.19 -6.85
CA ARG A 287 -13.95 9.64 -6.85
C ARG A 287 -14.72 8.97 -7.98
N HIS A 288 -14.12 8.94 -9.17
CA HIS A 288 -14.85 8.37 -10.30
C HIS A 288 -15.05 6.87 -10.11
N MET A 289 -14.00 6.15 -9.69
CA MET A 289 -14.15 4.72 -9.49
C MET A 289 -15.21 4.42 -8.42
N ASP A 290 -15.22 5.20 -7.33
CA ASP A 290 -16.22 4.97 -6.31
C ASP A 290 -17.62 5.20 -6.86
N GLU A 291 -17.79 6.22 -7.71
CA GLU A 291 -19.11 6.50 -8.28
C GLU A 291 -19.55 5.39 -9.23
N ALA A 292 -18.65 4.89 -10.06
CA ALA A 292 -19.06 3.84 -10.98
C ALA A 292 -19.37 2.54 -10.24
N PHE A 293 -18.65 2.23 -9.17
CA PHE A 293 -18.63 0.88 -8.62
C PHE A 293 -19.17 0.73 -7.20
N ARG A 294 -19.49 1.83 -6.51
CA ARG A 294 -19.99 1.73 -5.13
C ARG A 294 -21.21 0.81 -5.04
N VAL A 295 -22.04 0.78 -6.08
CA VAL A 295 -23.21 -0.08 -6.09
C VAL A 295 -22.85 -1.56 -5.97
N PHE A 296 -21.61 -1.94 -6.28
CA PHE A 296 -21.17 -3.33 -6.17
C PHE A 296 -20.24 -3.56 -4.99
N ARG A 297 -20.27 -2.65 -4.00
CA ARG A 297 -19.33 -2.70 -2.88
C ARG A 297 -19.26 -4.07 -2.23
N LYS A 298 -20.32 -4.88 -2.33
CA LYS A 298 -20.33 -6.18 -1.68
C LYS A 298 -19.37 -7.20 -2.32
N PHE A 299 -18.94 -7.02 -3.59
CA PHE A 299 -17.96 -7.92 -4.19
C PHE A 299 -16.88 -7.18 -4.96
N CYS A 300 -16.72 -5.87 -4.76
CA CYS A 300 -15.76 -5.11 -5.53
C CYS A 300 -15.19 -3.97 -4.70
N CYS A 301 -13.88 -3.74 -4.77
CA CYS A 301 -13.26 -2.56 -4.16
C CYS A 301 -12.17 -2.08 -5.09
N VAL A 302 -11.86 -0.80 -4.98
CA VAL A 302 -10.91 -0.13 -5.85
C VAL A 302 -9.90 0.62 -5.00
N TYR A 303 -8.62 0.42 -5.27
CA TYR A 303 -7.59 1.34 -4.81
C TYR A 303 -7.17 2.17 -6.01
N VAL A 304 -7.70 3.39 -6.10
CA VAL A 304 -7.37 4.35 -7.15
C VAL A 304 -7.57 3.68 -8.49
N ASP A 305 -6.59 2.88 -8.84
CA ASP A 305 -6.25 2.45 -10.18
C ASP A 305 -6.66 1.00 -10.44
N ASP A 306 -6.77 0.26 -9.36
CA ASP A 306 -6.83 -1.19 -9.33
C ASP A 306 -8.20 -1.59 -8.84
N ILE A 307 -8.91 -2.36 -9.65
CA ILE A 307 -10.22 -2.90 -9.29
C ILE A 307 -10.04 -4.34 -8.84
N LEU A 308 -10.53 -4.67 -7.65
CA LEU A 308 -10.55 -6.05 -7.18
C LEU A 308 -11.99 -6.56 -7.12
N VAL A 309 -12.20 -7.76 -7.65
CA VAL A 309 -13.48 -8.46 -7.56
C VAL A 309 -13.26 -9.67 -6.65
N PHE A 310 -14.16 -9.87 -5.70
CA PHE A 310 -13.97 -10.98 -4.77
C PHE A 310 -15.29 -11.69 -4.54
N SER A 311 -15.23 -13.01 -4.41
CA SER A 311 -16.41 -13.86 -4.29
C SER A 311 -16.05 -15.05 -3.43
N ASN A 312 -17.05 -15.69 -2.82
CA ASN A 312 -16.69 -16.88 -2.07
C ASN A 312 -16.74 -18.17 -2.87
N ASN A 313 -17.05 -18.11 -4.18
CA ASN A 313 -16.93 -19.29 -5.06
C ASN A 313 -16.99 -18.90 -6.53
N GLU A 314 -16.50 -19.82 -7.38
CA GLU A 314 -16.42 -19.60 -8.83
C GLU A 314 -17.75 -19.17 -9.43
N GLU A 315 -18.82 -19.83 -9.00
CA GLU A 315 -20.16 -19.53 -9.52
C GLU A 315 -20.49 -18.04 -9.36
N ASP A 316 -20.49 -17.55 -8.11
CA ASP A 316 -20.70 -16.11 -7.88
C ASP A 316 -19.77 -15.26 -8.73
N HIS A 317 -18.50 -15.66 -8.84
CA HIS A 317 -17.52 -14.85 -9.53
C HIS A 317 -17.91 -14.59 -10.99
N LEU A 318 -18.44 -15.61 -11.69
CA LEU A 318 -18.83 -15.41 -13.09
C LEU A 318 -19.81 -14.27 -13.20
N LEU A 319 -20.75 -14.21 -12.27
CA LEU A 319 -21.69 -13.10 -12.25
C LEU A 319 -20.98 -11.80 -11.85
N HIS A 320 -20.12 -11.87 -10.83
CA HIS A 320 -19.51 -10.68 -10.26
C HIS A 320 -18.62 -9.98 -11.27
N VAL A 321 -17.73 -10.75 -11.91
CA VAL A 321 -16.82 -10.16 -12.89
C VAL A 321 -17.58 -9.57 -14.05
N ALA A 322 -18.66 -10.22 -14.47
CA ALA A 322 -19.38 -9.75 -15.63
C ALA A 322 -20.05 -8.42 -15.34
N MET A 323 -20.53 -8.25 -14.12
CA MET A 323 -21.16 -6.99 -13.77
C MET A 323 -20.15 -5.85 -13.72
N ILE A 324 -18.95 -6.12 -13.20
CA ILE A 324 -17.92 -5.09 -13.17
C ILE A 324 -17.50 -4.74 -14.60
N LEU A 325 -17.39 -5.75 -15.46
CA LEU A 325 -16.93 -5.49 -16.82
C LEU A 325 -17.97 -4.72 -17.62
N GLN A 326 -19.24 -5.04 -17.39
CA GLN A 326 -20.32 -4.29 -18.01
C GLN A 326 -20.44 -2.90 -17.40
N LYS A 327 -20.01 -2.74 -16.15
CA LYS A 327 -19.93 -1.39 -15.62
C LYS A 327 -18.84 -0.58 -16.33
N CYS A 328 -17.67 -1.18 -16.55
CA CYS A 328 -16.62 -0.43 -17.26
C CYS A 328 -17.11 0.03 -18.62
N ASN A 329 -17.82 -0.87 -19.32
CA ASN A 329 -18.30 -0.55 -20.66
C ASN A 329 -19.29 0.59 -20.63
N GLN A 330 -20.25 0.54 -19.70
CA GLN A 330 -21.23 1.61 -19.54
C GLN A 330 -20.57 2.97 -19.34
N HIS A 331 -19.44 3.02 -18.64
CA HIS A 331 -18.80 4.28 -18.31
C HIS A 331 -17.62 4.59 -19.20
N GLY A 332 -17.32 3.72 -20.16
CA GLY A 332 -16.20 3.96 -21.04
C GLY A 332 -14.86 3.84 -20.34
N ILE A 333 -14.79 3.05 -19.28
CA ILE A 333 -13.55 2.85 -18.51
C ILE A 333 -12.70 1.82 -19.23
N ILE A 334 -11.47 2.18 -19.53
CA ILE A 334 -10.59 1.37 -20.35
C ILE A 334 -9.64 0.60 -19.43
N LEU A 335 -9.65 -0.73 -19.56
CA LEU A 335 -8.78 -1.62 -18.80
C LEU A 335 -7.53 -1.98 -19.59
N SER A 336 -6.56 -2.54 -18.90
CA SER A 336 -5.29 -2.96 -19.50
C SER A 336 -5.26 -4.49 -19.54
N LYS A 337 -5.44 -5.05 -20.73
CA LYS A 337 -5.51 -6.52 -20.85
C LYS A 337 -4.28 -7.20 -20.27
N LYS A 338 -3.10 -6.64 -20.52
CA LYS A 338 -1.87 -7.28 -20.08
C LYS A 338 -1.83 -7.47 -18.57
N LYS A 339 -2.54 -6.61 -17.82
CA LYS A 339 -2.49 -6.59 -16.37
C LYS A 339 -3.73 -7.23 -15.73
N ALA A 340 -4.66 -7.74 -16.52
CA ALA A 340 -5.81 -8.43 -15.97
C ALA A 340 -5.39 -9.73 -15.31
N GLN A 341 -5.83 -9.91 -14.07
CA GLN A 341 -5.66 -11.11 -13.27
C GLN A 341 -7.04 -11.74 -13.17
N LEU A 342 -7.30 -12.76 -13.97
CA LEU A 342 -8.64 -13.32 -14.09
C LEU A 342 -8.79 -14.62 -13.29
N PHE A 343 -9.81 -14.67 -12.43
CA PHE A 343 -10.24 -15.89 -11.70
C PHE A 343 -9.08 -16.58 -10.99
N LYS A 344 -8.51 -15.90 -10.01
CA LYS A 344 -7.33 -16.41 -9.34
C LYS A 344 -7.70 -16.85 -7.92
N LYS A 345 -7.04 -17.89 -7.44
CA LYS A 345 -7.20 -18.25 -6.04
C LYS A 345 -6.29 -17.38 -5.19
N LYS A 346 -5.11 -17.06 -5.71
CA LYS A 346 -4.15 -16.18 -5.06
C LYS A 346 -4.02 -14.95 -5.93
N ILE A 347 -4.29 -13.79 -5.36
CA ILE A 347 -4.28 -12.55 -6.13
C ILE A 347 -3.24 -11.61 -5.53
N ASN A 348 -2.58 -10.85 -6.40
CA ASN A 348 -1.70 -9.77 -6.00
C ASN A 348 -2.50 -8.50 -5.89
N PHE A 349 -2.44 -7.85 -4.74
CA PHE A 349 -3.25 -6.68 -4.48
C PHE A 349 -2.57 -5.91 -3.36
N LEU A 350 -2.35 -4.61 -3.57
CA LEU A 350 -1.79 -3.75 -2.54
C LEU A 350 -0.42 -4.24 -2.06
N GLY A 351 0.37 -4.78 -2.98
CA GLY A 351 1.68 -5.27 -2.60
C GLY A 351 1.65 -6.59 -1.90
N LEU A 352 0.49 -7.22 -1.77
CA LEU A 352 0.39 -8.48 -1.06
C LEU A 352 -0.01 -9.59 -2.03
N GLU A 353 0.34 -10.81 -1.63
CA GLU A 353 -0.22 -12.02 -2.19
C GLU A 353 -1.25 -12.50 -1.19
N ILE A 354 -2.53 -12.50 -1.57
CA ILE A 354 -3.60 -12.79 -0.64
C ILE A 354 -4.34 -14.02 -1.10
N ASP A 355 -4.61 -14.90 -0.14
CA ASP A 355 -5.32 -16.16 -0.21
C ASP A 355 -6.60 -16.08 0.60
N GLU A 356 -7.45 -17.10 0.42
CA GLU A 356 -8.58 -17.25 1.32
C GLU A 356 -8.12 -17.29 2.77
N GLY A 357 -7.04 -18.00 3.06
CA GLY A 357 -6.57 -18.07 4.43
C GLY A 357 -5.26 -17.37 4.74
N THR A 358 -4.54 -16.87 3.73
CA THR A 358 -3.16 -16.41 3.96
C THR A 358 -2.87 -15.15 3.18
N HIS A 359 -1.76 -14.53 3.54
CA HIS A 359 -1.29 -13.32 2.91
C HIS A 359 0.21 -13.20 3.15
N LYS A 360 0.94 -12.65 2.19
CA LYS A 360 2.36 -12.34 2.35
C LYS A 360 2.68 -11.20 1.39
N PRO A 361 3.82 -10.52 1.56
CA PRO A 361 4.26 -9.56 0.54
C PRO A 361 4.43 -10.25 -0.80
N GLN A 362 4.24 -9.49 -1.88
CA GLN A 362 4.48 -10.07 -3.19
C GLN A 362 5.93 -10.52 -3.28
N GLY A 363 6.13 -11.74 -3.80
CA GLY A 363 7.47 -12.34 -3.81
C GLY A 363 8.51 -11.49 -4.54
N HIS A 364 8.10 -10.86 -5.63
CA HIS A 364 9.06 -10.07 -6.39
C HIS A 364 9.58 -8.88 -5.59
N ILE A 365 8.92 -8.49 -4.51
CA ILE A 365 9.41 -7.37 -3.71
C ILE A 365 10.57 -7.82 -2.83
N LEU A 366 10.33 -8.81 -1.96
CA LEU A 366 11.37 -9.32 -1.08
C LEU A 366 12.43 -10.15 -1.80
N GLU A 367 12.31 -10.37 -3.11
CA GLU A 367 13.43 -10.96 -3.84
C GLU A 367 14.62 -10.01 -3.90
N HIS A 368 14.37 -8.69 -3.94
CA HIS A 368 15.45 -7.73 -4.09
C HIS A 368 16.38 -7.67 -2.87
N ILE A 369 15.94 -8.22 -1.74
CA ILE A 369 16.83 -8.33 -0.58
C ILE A 369 18.05 -9.19 -0.93
N ASN A 370 17.83 -10.27 -1.67
CA ASN A 370 18.89 -11.23 -2.01
C ASN A 370 19.86 -10.69 -3.04
N LYS A 371 19.63 -9.50 -3.59
CA LYS A 371 20.59 -8.84 -4.48
C LYS A 371 21.63 -8.03 -3.71
N PHE A 372 21.44 -7.81 -2.43
CA PHE A 372 22.42 -7.07 -1.67
C PHE A 372 23.55 -8.00 -1.22
N PRO A 373 24.78 -7.49 -1.16
CA PRO A 373 25.88 -8.29 -0.63
C PRO A 373 25.79 -8.46 0.87
N ASP A 374 26.51 -9.47 1.37
CA ASP A 374 26.67 -9.69 2.80
C ASP A 374 27.56 -8.65 3.45
N THR A 375 28.36 -7.95 2.66
CA THR A 375 29.20 -6.84 3.12
C THR A 375 28.73 -5.59 2.40
N LEU A 376 28.16 -4.64 3.13
CA LEU A 376 27.75 -3.40 2.49
C LEU A 376 28.95 -2.49 2.31
N GLU A 377 29.03 -1.84 1.14
CA GLU A 377 30.16 -0.99 0.83
C GLU A 377 30.14 0.28 1.66
N ASP A 378 29.01 1.01 1.66
CA ASP A 378 28.92 2.33 2.27
C ASP A 378 27.59 2.48 3.00
N LYS A 379 27.42 3.64 3.64
CA LYS A 379 26.20 3.92 4.37
C LYS A 379 25.02 4.15 3.42
N LYS A 380 25.27 4.72 2.25
CA LYS A 380 24.20 4.95 1.30
C LYS A 380 23.59 3.65 0.80
N GLN A 381 24.41 2.60 0.71
CA GLN A 381 23.83 1.31 0.36
C GLN A 381 23.08 0.71 1.52
N LEU A 382 23.53 0.97 2.74
CA LEU A 382 22.80 0.47 3.89
C LEU A 382 21.39 1.06 3.95
N GLN A 383 21.24 2.33 3.60
CA GLN A 383 19.90 2.90 3.66
C GLN A 383 19.04 2.36 2.52
N ARG A 384 19.65 2.00 1.39
CA ARG A 384 18.91 1.26 0.37
C ARG A 384 18.42 -0.07 0.94
N PHE A 385 19.27 -0.78 1.68
CA PHE A 385 18.88 -2.08 2.23
C PHE A 385 17.75 -1.94 3.26
N LEU A 386 17.91 -1.04 4.23
CA LEU A 386 16.87 -0.82 5.22
C LEU A 386 15.56 -0.43 4.56
N GLY A 387 15.63 0.32 3.46
CA GLY A 387 14.43 0.75 2.77
C GLY A 387 13.54 -0.41 2.34
N ILE A 388 14.14 -1.45 1.77
CA ILE A 388 13.32 -2.55 1.28
C ILE A 388 12.97 -3.51 2.43
N LEU A 389 13.85 -3.62 3.42
CA LEU A 389 13.62 -4.48 4.58
C LEU A 389 12.33 -4.09 5.32
N THR A 390 11.99 -2.82 5.27
CA THR A 390 10.71 -2.26 5.66
C THR A 390 9.50 -3.11 5.25
N TYR A 391 9.52 -3.71 4.06
CA TYR A 391 8.33 -4.41 3.62
C TYR A 391 8.10 -5.74 4.35
N ALA A 392 8.96 -6.09 5.29
CA ALA A 392 8.74 -7.29 6.07
C ALA A 392 8.21 -7.02 7.48
N SER A 393 7.92 -5.76 7.84
CA SER A 393 7.62 -5.46 9.25
C SER A 393 6.42 -6.22 9.77
N ASP A 394 5.36 -6.36 8.97
CA ASP A 394 4.18 -7.11 9.39
C ASP A 394 4.45 -8.61 9.56
N TYR A 395 5.60 -9.10 9.10
CA TYR A 395 5.82 -10.53 8.96
C TYR A 395 6.97 -11.08 9.80
N ILE A 396 7.81 -10.22 10.38
CA ILE A 396 8.94 -10.69 11.16
C ILE A 396 8.73 -10.24 12.61
N PRO A 397 8.74 -11.17 13.57
CA PRO A 397 8.58 -10.78 14.97
C PRO A 397 9.77 -9.98 15.42
N LYS A 398 9.48 -8.89 16.14
CA LYS A 398 10.50 -8.07 16.77
C LYS A 398 11.47 -7.53 15.73
N LEU A 399 10.99 -7.27 14.52
CA LEU A 399 11.88 -6.76 13.49
C LEU A 399 12.46 -5.40 13.84
N ALA A 400 11.82 -4.62 14.71
CA ALA A 400 12.43 -3.35 15.08
C ALA A 400 13.82 -3.57 15.70
N GLN A 401 13.94 -4.55 16.60
CA GLN A 401 15.24 -4.86 17.21
C GLN A 401 16.24 -5.35 16.17
N ILE A 402 15.84 -6.33 15.35
CA ILE A 402 16.74 -6.87 14.32
C ILE A 402 17.29 -5.76 13.47
N ARG A 403 16.53 -4.68 13.28
CA ARG A 403 16.94 -3.60 12.40
C ARG A 403 17.81 -2.58 13.12
N LYS A 404 17.78 -2.53 14.45
CA LYS A 404 18.49 -1.46 15.16
C LYS A 404 20.00 -1.50 14.96
N PRO A 405 20.72 -2.64 15.20
CA PRO A 405 22.16 -2.69 14.90
C PRO A 405 22.54 -2.04 13.58
N LEU A 406 21.73 -2.30 12.55
CA LEU A 406 21.97 -1.71 11.24
C LEU A 406 21.67 -0.21 11.25
N GLN A 407 20.57 0.20 11.86
CA GLN A 407 20.23 1.62 11.85
C GLN A 407 21.34 2.46 12.50
N ALA A 408 21.97 1.92 13.55
CA ALA A 408 23.08 2.61 14.20
C ALA A 408 24.12 3.08 13.18
N LYS A 409 24.56 2.16 12.30
CA LYS A 409 25.62 2.46 11.34
C LYS A 409 25.29 3.68 10.49
N LEU A 410 24.02 4.03 10.38
CA LEU A 410 23.62 5.11 9.50
C LEU A 410 23.97 6.46 10.11
N LYS A 411 24.16 6.52 11.43
CA LYS A 411 24.29 7.79 12.12
C LYS A 411 25.55 8.51 11.64
N GLU A 412 25.40 9.81 11.38
CA GLU A 412 26.55 10.64 11.04
C GLU A 412 27.62 10.54 12.10
N ASN A 413 27.21 10.45 13.37
CA ASN A 413 28.16 10.26 14.47
C ASN A 413 29.12 9.12 14.19
N VAL A 414 28.63 8.01 13.66
CA VAL A 414 29.48 6.87 13.34
C VAL A 414 30.31 7.16 12.07
N TRP A 416 32.36 4.85 9.32
CA TRP A 416 31.92 3.58 8.71
C TRP A 416 32.91 2.44 9.02
N ARG A 417 32.46 1.43 9.77
CA ARG A 417 33.33 0.32 10.13
C ARG A 417 32.55 -1.00 10.06
N TRP A 418 32.66 -1.70 8.94
CA TRP A 418 32.03 -3.01 8.78
C TRP A 418 32.93 -4.10 9.38
N THR A 419 32.31 -5.12 9.98
CA THR A 419 33.06 -6.17 10.65
C THR A 419 32.60 -7.54 10.18
N LYS A 420 33.36 -8.57 10.56
CA LYS A 420 32.98 -9.94 10.25
C LYS A 420 31.63 -10.27 10.87
N GLU A 421 31.33 -9.66 12.03
CA GLU A 421 30.01 -9.85 12.63
C GLU A 421 28.95 -9.08 11.85
N ASP A 422 29.25 -7.84 11.44
CA ASP A 422 28.38 -7.12 10.52
C ASP A 422 28.08 -7.97 9.30
N THR A 423 29.10 -8.61 8.73
CA THR A 423 28.86 -9.50 7.59
C THR A 423 28.02 -10.69 8.00
N LEU A 424 28.38 -11.36 9.09
CA LEU A 424 27.60 -12.54 9.48
C LEU A 424 26.19 -12.16 9.94
N TYR A 425 25.99 -10.89 10.31
CA TYR A 425 24.64 -10.43 10.68
C TYR A 425 23.78 -10.28 9.44
N MET A 426 24.34 -9.69 8.39
CA MET A 426 23.64 -9.58 7.13
C MET A 426 23.15 -10.92 6.62
N GLN A 427 23.97 -11.96 6.75
CA GLN A 427 23.63 -13.24 6.17
C GLN A 427 22.37 -13.81 6.81
N LYS A 428 22.35 -13.86 8.14
CA LYS A 428 21.16 -14.38 8.82
C LYS A 428 19.94 -13.53 8.47
N VAL A 429 20.07 -12.21 8.65
CA VAL A 429 18.98 -11.29 8.29
C VAL A 429 18.45 -11.59 6.90
N LYS A 430 19.35 -11.74 5.92
CA LYS A 430 18.92 -12.03 4.56
C LYS A 430 18.23 -13.38 4.46
N LYS A 431 18.64 -14.34 5.30
CA LYS A 431 18.11 -15.70 5.18
C LYS A 431 16.67 -15.77 5.63
N ASN A 432 16.31 -15.03 6.68
CA ASN A 432 14.96 -15.09 7.21
C ASN A 432 14.03 -14.02 6.65
N LEU A 433 14.57 -12.91 6.15
CA LEU A 433 13.71 -11.92 5.52
C LEU A 433 13.21 -12.36 4.15
N GLN A 434 13.72 -13.46 3.61
CA GLN A 434 13.06 -14.22 2.57
C GLN A 434 12.66 -15.57 3.16
N GLY A 435 11.48 -16.06 2.79
CA GLY A 435 11.04 -17.35 3.29
C GLY A 435 10.45 -17.35 4.69
N PHE A 436 10.12 -16.19 5.25
CA PHE A 436 9.26 -16.20 6.43
C PHE A 436 7.91 -16.78 6.00
N PRO A 437 7.23 -17.53 6.87
CA PRO A 437 6.00 -18.21 6.42
C PRO A 437 4.91 -17.20 6.11
N PRO A 438 4.03 -17.50 5.18
CA PRO A 438 2.82 -16.68 5.02
C PRO A 438 2.02 -16.66 6.31
N LEU A 439 1.23 -15.62 6.50
CA LEU A 439 0.49 -15.48 7.75
C LEU A 439 -1.00 -15.62 7.49
N HIS A 440 -1.74 -15.89 8.56
CA HIS A 440 -3.15 -16.22 8.41
C HIS A 440 -3.94 -14.98 8.09
N HIS A 441 -4.84 -15.06 7.12
CA HIS A 441 -5.80 -14.00 6.94
C HIS A 441 -7.10 -14.41 7.62
N PRO A 442 -7.48 -13.79 8.72
CA PRO A 442 -8.57 -14.36 9.54
C PRO A 442 -9.93 -14.19 8.89
N LEU A 443 -10.78 -15.19 9.09
CA LEU A 443 -12.17 -15.10 8.68
C LEU A 443 -12.88 -13.97 9.44
N PRO A 444 -13.90 -13.36 8.85
CA PRO A 444 -14.67 -12.33 9.57
C PRO A 444 -15.17 -12.75 10.96
N GLU A 445 -15.58 -14.01 11.12
CA GLU A 445 -16.18 -14.46 12.38
C GLU A 445 -15.16 -15.03 13.36
N GLU A 446 -13.89 -15.14 12.98
CA GLU A 446 -12.90 -15.70 13.89
C GLU A 446 -12.58 -14.73 15.03
N LYS A 447 -12.47 -15.27 16.24
CA LYS A 447 -12.15 -14.45 17.40
C LYS A 447 -10.69 -14.02 17.35
N LEU A 448 -10.44 -12.77 17.69
CA LEU A 448 -9.11 -12.19 17.55
C LEU A 448 -8.46 -12.02 18.91
N ILE A 449 -7.14 -12.20 18.94
CA ILE A 449 -6.32 -12.06 20.14
C ILE A 449 -5.12 -11.22 19.77
N ILE A 450 -4.67 -10.38 20.71
CA ILE A 450 -3.39 -9.70 20.60
C ILE A 450 -2.55 -10.07 21.81
N GLU A 451 -1.32 -10.50 21.57
CA GLU A 451 -0.35 -10.78 22.62
C GLU A 451 0.74 -9.75 22.49
N THR A 452 1.09 -9.12 23.61
CA THR A 452 1.99 -8.00 23.58
C THR A 452 3.08 -8.22 24.61
N ASP A 453 4.22 -7.59 24.36
CA ASP A 453 5.35 -7.72 25.25
C ASP A 453 6.18 -6.46 25.11
N ALA A 454 7.12 -6.29 26.04
CA ALA A 454 7.94 -5.10 26.06
C ALA A 454 9.29 -5.44 26.67
N SER A 455 10.30 -4.66 26.28
CA SER A 455 11.66 -4.75 26.78
C SER A 455 12.09 -3.32 27.12
N ASP A 456 13.36 -3.12 27.50
CA ASP A 456 13.76 -1.80 27.97
C ASP A 456 13.51 -0.73 26.92
N ASP A 457 13.85 -1.03 25.65
CA ASP A 457 13.84 -0.04 24.59
C ASP A 457 12.81 -0.29 23.50
N TYR A 458 12.20 -1.48 23.44
CA TYR A 458 11.27 -1.82 22.38
C TYR A 458 9.96 -2.37 22.93
N TRP A 459 8.95 -2.38 22.05
CA TRP A 459 7.69 -3.06 22.27
C TRP A 459 7.41 -3.99 21.11
N GLY A 460 6.54 -4.95 21.35
CA GLY A 460 6.18 -5.89 20.32
C GLY A 460 4.76 -6.35 20.57
N GLY A 461 4.14 -6.83 19.50
CA GLY A 461 2.81 -7.36 19.59
C GLY A 461 2.55 -8.26 18.41
N MET A 462 1.56 -9.11 18.56
CA MET A 462 1.31 -10.14 17.58
C MET A 462 -0.20 -10.36 17.59
N LEU A 463 -0.79 -10.44 16.40
CA LEU A 463 -2.22 -10.67 16.23
C LEU A 463 -2.46 -12.14 15.93
N LYS A 464 -3.35 -12.75 16.69
CA LYS A 464 -3.68 -14.15 16.52
C LYS A 464 -5.19 -14.29 16.33
N ALA A 465 -5.57 -15.35 15.63
CA ALA A 465 -6.96 -15.69 15.39
C ALA A 465 -7.21 -17.11 15.83
N ILE A 466 -8.45 -17.38 16.24
CA ILE A 466 -8.84 -18.71 16.69
C ILE A 466 -9.56 -19.42 15.54
N LYS A 467 -8.80 -20.25 14.82
CA LYS A 467 -9.41 -21.15 13.84
C LYS A 467 -10.18 -22.22 14.57
N ILE A 468 -11.44 -22.40 14.19
CA ILE A 468 -12.34 -23.33 14.86
C ILE A 468 -12.19 -24.73 14.26
N ASN A 469 -11.87 -25.70 15.12
CA ASN A 469 -11.84 -27.12 14.78
C ASN A 469 -12.59 -27.90 15.86
N GLU A 470 -13.42 -28.84 15.43
CA GLU A 470 -14.33 -29.57 16.32
C GLU A 470 -13.65 -30.19 17.55
N THR A 472 -11.34 -29.45 19.48
CA THR A 472 -10.10 -28.74 19.77
C THR A 472 -9.81 -27.64 18.74
N ASN A 473 -9.69 -26.40 19.24
CA ASN A 473 -9.48 -25.25 18.38
C ASN A 473 -7.99 -24.98 18.19
N THR A 474 -7.67 -23.99 17.35
CA THR A 474 -6.29 -23.64 17.01
C THR A 474 -6.12 -22.13 16.96
N GLU A 475 -4.90 -21.68 17.27
CA GLU A 475 -4.59 -20.26 17.24
C GLU A 475 -3.57 -20.02 16.14
N LEU A 476 -3.94 -19.22 15.16
CA LEU A 476 -3.09 -18.91 14.02
C LEU A 476 -2.60 -17.48 14.13
N ILE A 477 -1.37 -17.25 13.68
CA ILE A 477 -0.74 -15.93 13.70
C ILE A 477 -1.15 -15.20 12.42
N CYS A 478 -1.57 -13.94 12.54
CA CYS A 478 -2.00 -13.13 11.41
C CYS A 478 -1.08 -11.96 11.09
N ARG A 479 -0.41 -11.38 12.07
CA ARG A 479 0.33 -10.15 11.85
C ARG A 479 1.18 -9.81 13.07
N TYR A 480 2.34 -9.22 12.81
CA TYR A 480 3.27 -8.78 13.84
C TYR A 480 3.38 -7.26 13.82
N ALA A 481 3.77 -6.70 14.96
CA ALA A 481 4.03 -5.28 15.11
C ALA A 481 5.21 -5.11 16.04
N SER A 482 6.04 -4.10 15.78
CA SER A 482 7.13 -3.84 16.68
C SER A 482 7.59 -2.42 16.46
N GLY A 483 8.26 -1.89 17.47
CA GLY A 483 8.74 -0.53 17.39
C GLY A 483 9.58 -0.27 18.61
N SER A 484 10.22 0.89 18.62
CA SER A 484 11.06 1.28 19.73
C SER A 484 10.39 2.43 20.48
N PHE A 485 10.65 2.51 21.79
CA PHE A 485 10.01 3.53 22.62
C PHE A 485 10.61 4.91 22.34
N LYS A 486 9.74 5.92 22.33
CA LYS A 486 10.14 7.31 22.22
C LYS A 486 11.09 7.70 23.36
N ALA A 487 11.63 8.92 23.27
CA ALA A 487 12.61 9.37 24.24
C ALA A 487 12.05 9.31 25.66
N ALA A 488 10.90 9.96 25.88
CA ALA A 488 10.32 10.04 27.22
C ALA A 488 9.85 8.68 27.71
N GLU A 489 9.54 7.76 26.81
CA GLU A 489 8.96 6.50 27.21
C GLU A 489 9.97 5.53 27.76
N LYS A 490 11.26 5.67 27.42
CA LYS A 490 12.28 4.83 28.04
C LYS A 490 12.39 5.04 29.54
N ASN A 491 11.92 6.18 30.05
CA ASN A 491 11.87 6.39 31.49
C ASN A 491 10.61 5.85 32.13
N TYR A 492 9.69 5.27 31.35
CA TYR A 492 8.49 4.68 31.93
C TYR A 492 8.83 3.48 32.79
N HIS A 493 7.95 3.20 33.76
CA HIS A 493 8.11 2.00 34.57
C HIS A 493 7.78 0.76 33.73
N SER A 494 8.34 -0.37 34.15
CA SER A 494 8.23 -1.60 33.38
C SER A 494 6.79 -2.05 33.21
N ASN A 495 5.87 -1.66 34.10
CA ASN A 495 4.47 -2.00 33.87
C ASN A 495 3.86 -1.11 32.82
N ASP A 496 4.27 0.16 32.76
CA ASP A 496 3.70 1.09 31.79
C ASP A 496 4.24 0.87 30.38
N LYS A 497 5.48 0.40 30.22
CA LYS A 497 5.92 0.02 28.89
C LYS A 497 5.08 -1.13 28.35
N GLU A 498 4.79 -2.09 29.22
CA GLU A 498 3.91 -3.18 28.86
C GLU A 498 2.54 -2.67 28.42
N THR A 499 2.03 -1.62 29.08
CA THR A 499 0.77 -1.01 28.68
C THR A 499 0.91 -0.27 27.36
N LEU A 500 2.02 0.42 27.16
CA LEU A 500 2.28 1.07 25.89
C LEU A 500 2.31 0.07 24.76
N ALA A 501 2.99 -1.06 24.97
CA ALA A 501 2.97 -2.14 24.00
C ALA A 501 1.54 -2.52 23.63
N VAL A 502 0.63 -2.54 24.62
CA VAL A 502 -0.76 -2.85 24.31
C VAL A 502 -1.35 -1.78 23.39
N ILE A 503 -1.10 -0.51 23.71
CA ILE A 503 -1.71 0.57 22.96
C ILE A 503 -1.21 0.60 21.53
N ASN A 504 0.12 0.50 21.36
CA ASN A 504 0.71 0.55 20.01
C ASN A 504 0.25 -0.61 19.16
N THR A 505 0.07 -1.79 19.75
CA THR A 505 -0.38 -2.93 18.99
C THR A 505 -1.80 -2.71 18.49
N ILE A 506 -2.68 -2.22 19.38
CA ILE A 506 -4.07 -1.97 19.00
C ILE A 506 -4.12 -0.94 17.88
N LYS A 507 -3.36 0.14 18.03
CA LYS A 507 -3.28 1.17 17.00
C LYS A 507 -2.91 0.58 15.65
N LYS A 508 -1.89 -0.29 15.62
CA LYS A 508 -1.50 -0.90 14.35
C LYS A 508 -2.60 -1.79 13.80
N PHE A 509 -3.29 -2.52 14.67
CA PHE A 509 -4.29 -3.47 14.24
C PHE A 509 -5.73 -2.94 14.35
N SER A 510 -5.89 -1.62 14.53
CA SER A 510 -7.18 -1.06 14.95
C SER A 510 -8.29 -1.28 13.93
N ILE A 511 -7.99 -1.38 12.63
CA ILE A 511 -9.08 -1.57 11.68
C ILE A 511 -9.72 -2.93 11.91
N TYR A 512 -8.93 -3.94 12.26
CA TYR A 512 -9.52 -5.26 12.50
C TYR A 512 -10.16 -5.36 13.88
N LEU A 513 -9.58 -4.71 14.89
CA LEU A 513 -10.02 -4.95 16.26
C LEU A 513 -11.25 -4.13 16.62
N THR A 514 -11.35 -2.90 16.10
CA THR A 514 -12.37 -1.94 16.52
C THR A 514 -13.80 -2.49 16.51
N PRO A 515 -14.29 -3.16 15.47
CA PRO A 515 -15.67 -3.63 15.48
C PRO A 515 -15.90 -4.94 16.21
N VAL A 516 -14.95 -5.46 16.98
CA VAL A 516 -15.04 -6.82 17.51
C VAL A 516 -14.65 -6.85 18.99
N HIS A 517 -15.23 -7.80 19.72
CA HIS A 517 -14.78 -8.13 21.07
C HIS A 517 -13.59 -9.05 20.97
N PHE A 518 -12.42 -8.59 21.41
CA PHE A 518 -11.21 -9.36 21.22
C PHE A 518 -10.56 -9.63 22.59
N LEU A 519 -9.37 -10.21 22.56
CA LEU A 519 -8.70 -10.66 23.78
C LEU A 519 -7.28 -10.13 23.78
N ILE A 520 -6.90 -9.46 24.86
CA ILE A 520 -5.55 -8.98 25.06
C ILE A 520 -4.86 -9.89 26.07
N ARG A 521 -3.71 -10.42 25.68
CA ARG A 521 -2.84 -11.16 26.59
C ARG A 521 -1.59 -10.32 26.84
N THR A 522 -1.41 -9.86 28.08
CA THR A 522 -0.20 -9.15 28.47
C THR A 522 0.33 -9.69 29.79
N ASN A 523 1.56 -9.28 30.11
CA ASN A 523 2.21 -9.63 31.38
C ASN A 523 2.04 -8.59 32.46
N ASN A 524 1.29 -7.54 32.20
CA ASN A 524 1.05 -6.51 33.20
C ASN A 524 -0.09 -7.01 34.07
N THR A 525 0.23 -7.48 35.27
CA THR A 525 -0.81 -7.99 36.16
C THR A 525 -1.80 -6.90 36.56
N HIS A 526 -1.40 -5.64 36.50
CA HIS A 526 -2.27 -4.55 36.87
C HIS A 526 -3.03 -3.98 35.69
N PHE A 527 -2.74 -4.44 34.47
CA PHE A 527 -3.46 -3.95 33.30
C PHE A 527 -4.95 -4.16 33.44
N LYS A 528 -5.36 -5.29 34.03
CA LYS A 528 -6.78 -5.58 34.18
C LYS A 528 -7.47 -4.52 35.05
N SER A 529 -6.90 -4.22 36.21
CA SER A 529 -7.48 -3.19 37.07
C SER A 529 -7.43 -1.82 36.41
N PHE A 530 -6.33 -1.52 35.70
CA PHE A 530 -6.16 -0.22 35.06
C PHE A 530 -7.31 0.09 34.10
N VAL A 531 -7.62 -0.84 33.19
CA VAL A 531 -8.67 -0.57 32.21
C VAL A 531 -10.03 -0.53 32.85
N ASN A 532 -10.24 -1.26 33.94
CA ASN A 532 -11.47 -1.20 34.73
C ASN A 532 -11.51 0.04 35.66
N LEU A 533 -10.70 1.07 35.36
CA LEU A 533 -10.68 2.33 36.10
C LEU A 533 -10.56 2.13 37.61
N ASN A 534 -9.90 1.03 38.00
CA ASN A 534 -9.72 0.62 39.38
C ASN A 534 -8.24 0.69 39.79
N TYR A 535 -7.46 1.47 39.05
CA TYR A 535 -6.01 1.45 39.19
C TYR A 535 -5.59 2.49 40.23
N LYS A 536 -4.71 2.06 41.15
CA LYS A 536 -4.39 2.86 42.32
C LYS A 536 -3.56 4.09 41.97
N GLY A 537 -2.60 3.96 41.07
CA GLY A 537 -1.58 4.99 40.82
C GLY A 537 -2.06 6.36 40.39
N ASP A 538 -1.81 7.38 41.23
CA ASP A 538 -2.13 8.77 40.90
C ASP A 538 -0.89 9.57 40.47
N SER A 539 0.27 8.92 40.32
CA SER A 539 1.51 9.65 40.10
C SER A 539 1.53 10.31 38.73
N LYS A 540 1.02 9.62 37.71
CA LYS A 540 0.99 10.12 36.33
C LYS A 540 -0.45 10.08 35.85
N LEU A 541 -1.28 10.88 36.51
CA LEU A 541 -2.73 10.78 36.33
C LEU A 541 -3.15 11.14 34.91
N GLY A 542 -2.64 12.27 34.40
CA GLY A 542 -3.10 12.74 33.09
C GLY A 542 -2.77 11.77 31.97
N ARG A 543 -1.57 11.18 32.01
CA ARG A 543 -1.22 10.15 31.04
C ARG A 543 -2.10 8.93 31.20
N ASN A 544 -2.44 8.57 32.45
CA ASN A 544 -3.26 7.38 32.67
C ASN A 544 -4.70 7.59 32.21
N ILE A 545 -5.27 8.78 32.48
CA ILE A 545 -6.61 9.06 32.01
C ILE A 545 -6.64 9.15 30.49
N ARG A 546 -5.55 9.65 29.89
CA ARG A 546 -5.46 9.66 28.43
C ARG A 546 -5.49 8.24 27.89
N TRP A 547 -4.76 7.32 28.52
CA TRP A 547 -4.75 5.93 28.06
C TRP A 547 -6.09 5.26 28.34
N GLN A 548 -6.66 5.51 29.51
CA GLN A 548 -7.95 4.94 29.85
C GLN A 548 -9.03 5.41 28.87
N ALA A 549 -9.02 6.70 28.55
CA ALA A 549 -9.94 7.18 27.52
C ALA A 549 -9.72 6.42 26.20
N TRP A 550 -8.48 6.37 25.74
CA TRP A 550 -8.20 5.75 24.44
C TRP A 550 -8.59 4.29 24.43
N LEU A 551 -8.31 3.57 25.51
CA LEU A 551 -8.64 2.15 25.52
C LEU A 551 -10.14 1.92 25.67
N SER A 552 -10.87 2.90 26.22
CA SER A 552 -12.32 2.77 26.36
C SER A 552 -13.01 2.56 25.02
N HIS A 553 -12.43 3.05 23.91
CA HIS A 553 -13.10 2.81 22.65
C HIS A 553 -13.00 1.37 22.17
N TYR A 554 -12.38 0.47 22.92
CA TYR A 554 -12.26 -0.92 22.50
C TYR A 554 -12.96 -1.84 23.50
N SER A 555 -13.50 -2.94 22.99
CA SER A 555 -14.17 -3.97 23.78
C SER A 555 -13.29 -5.23 23.82
N PHE A 556 -12.88 -5.64 25.03
CA PHE A 556 -11.92 -6.75 25.16
C PHE A 556 -11.88 -7.26 26.59
N ASP A 557 -11.49 -8.53 26.75
CA ASP A 557 -11.08 -9.12 28.01
C ASP A 557 -9.55 -9.17 28.09
N VAL A 558 -9.05 -9.53 29.28
CA VAL A 558 -7.62 -9.53 29.54
C VAL A 558 -7.21 -10.85 30.19
N GLU A 559 -6.06 -11.38 29.75
CA GLU A 559 -5.48 -12.64 30.20
C GLU A 559 -4.01 -12.36 30.54
N HIS A 560 -3.39 -13.29 31.28
CA HIS A 560 -1.98 -13.20 31.65
C HIS A 560 -1.15 -14.21 30.86
N ILE A 561 0.09 -13.83 30.51
CA ILE A 561 1.00 -14.75 29.81
C ILE A 561 2.40 -14.80 30.39
N ASP A 565 3.63 -22.31 19.67
CA ASP A 565 3.55 -21.15 20.56
C ASP A 565 4.62 -20.11 20.25
N ASN A 566 4.57 -19.55 19.04
CA ASN A 566 5.54 -18.56 18.55
C ASN A 566 6.96 -19.13 18.55
N HIS A 567 7.13 -20.29 17.90
CA HIS A 567 8.47 -20.86 17.80
C HIS A 567 9.30 -20.15 16.74
N PHE A 568 8.67 -19.63 15.68
CA PHE A 568 9.40 -18.84 14.69
C PHE A 568 10.13 -17.68 15.37
N ALA A 569 9.42 -16.97 16.26
CA ALA A 569 10.06 -15.92 17.03
C ALA A 569 11.12 -16.46 17.96
N ASP A 570 10.91 -17.68 18.47
CA ASP A 570 11.93 -18.30 19.30
C ASP A 570 13.16 -18.68 18.47
N PHE A 571 12.94 -19.23 17.28
CA PHE A 571 14.05 -19.49 16.36
C PHE A 571 14.84 -18.21 16.09
N LEU A 572 14.14 -17.16 15.64
CA LEU A 572 14.82 -15.92 15.26
C LEU A 572 15.68 -15.37 16.40
N SER A 573 15.14 -15.32 17.61
CA SER A 573 15.89 -14.79 18.74
C SER A 573 17.12 -15.64 19.03
N ARG A 574 16.96 -16.96 19.00
CA ARG A 574 18.11 -17.85 19.13
C ARG A 574 19.16 -17.52 18.07
N GLU A 575 18.76 -17.46 16.79
CA GLU A 575 19.73 -17.34 15.70
C GLU A 575 20.44 -15.98 15.68
N PHE A 576 20.00 -14.99 16.43
CA PHE A 576 20.62 -13.67 16.32
C PHE A 576 21.61 -13.35 17.44
N ASN A 577 21.28 -13.66 18.69
CA ASN A 577 22.24 -13.48 19.78
C ASN A 577 22.08 -14.61 20.81
#